data_5HK3
#
_entry.id   5HK3
#
_cell.length_a   47.311
_cell.length_b   64.244
_cell.length_c   73.915
_cell.angle_alpha   90.000
_cell.angle_beta   90.000
_cell.angle_gamma   90.000
#
_symmetry.space_group_name_H-M   'P 21 21 21'
#
loop_
_entity.id
_entity.type
_entity.pdbx_description
1 polymer 'Endoribonuclease MazF6'
2 polymer "DNA (5'-D(*AP*GP*UP*CP*UP*CP*CP*UP*UP*UP*C)-3')"
3 water water
#
loop_
_entity_poly.entity_id
_entity_poly.type
_entity_poly.pdbx_seq_one_letter_code
_entity_poly.pdbx_strand_id
1 'polypeptide(L)'
;MVISRAEIYWADLGPPSGSQPAKRRPVLVIQSDPYNASRLATVIAAVITSNDALAAMPGNVDLPATTTRLPRDSVVNVTA
IVTLNKTDLTDRVGEVPASLMHEVDRGLRRVLDL
;
A,B
2 'polydeoxyribonucleotide' (DA)(DG)(DU)(DC)(DU)(DC)(DC)(DU)(DU)(DU)(DC) C
#
loop_
_chem_comp.id
_chem_comp.type
_chem_comp.name
_chem_comp.formula
DA DNA linking 2'-DEOXYADENOSINE-5'-MONOPHOSPHATE 'C10 H14 N5 O6 P'
DC DNA linking 2'-DEOXYCYTIDINE-5'-MONOPHOSPHATE 'C9 H14 N3 O7 P'
DG DNA linking 2'-DEOXYGUANOSINE-5'-MONOPHOSPHATE 'C10 H14 N5 O7 P'
DU DNA linking 2'-DEOXYURIDINE-5'-MONOPHOSPHATE 'C9 H13 N2 O8 P'
#
# COMPACT_ATOMS: atom_id res chain seq x y z
N VAL A 2 9.07 -11.81 14.97
CA VAL A 2 8.66 -12.51 13.76
C VAL A 2 7.28 -12.05 13.31
N ILE A 3 7.22 -11.44 12.13
CA ILE A 3 5.97 -10.94 11.60
C ILE A 3 5.54 -11.77 10.40
N SER A 4 4.28 -12.17 10.36
CA SER A 4 3.79 -13.03 9.30
C SER A 4 2.60 -12.40 8.60
N ARG A 5 2.46 -12.71 7.31
CA ARG A 5 1.31 -12.25 6.55
C ARG A 5 0.03 -12.75 7.18
N ALA A 6 -0.97 -11.87 7.17
CA ALA A 6 -2.33 -12.13 7.67
C ALA A 6 -2.45 -11.96 9.19
N GLU A 7 -1.36 -11.59 9.85
CA GLU A 7 -1.45 -11.25 11.27
C GLU A 7 -1.99 -9.83 11.48
N ILE A 8 -2.72 -9.66 12.58
CA ILE A 8 -3.24 -8.36 12.99
C ILE A 8 -2.48 -7.81 14.18
N TYR A 9 -2.03 -6.55 14.03
CA TYR A 9 -1.28 -5.81 15.06
C TYR A 9 -1.90 -4.45 15.33
N TRP A 10 -1.72 -3.91 16.53
CA TRP A 10 -1.97 -2.49 16.75
C TRP A 10 -0.78 -1.66 16.30
N ALA A 11 -1.03 -0.54 15.64
CA ALA A 11 0.06 0.31 15.16
C ALA A 11 -0.28 1.80 15.22
N ASP A 12 0.72 2.62 15.52
CA ASP A 12 0.64 4.07 15.32
C ASP A 12 0.79 4.37 13.84
N LEU A 13 -0.18 5.07 13.27
CA LEU A 13 -0.14 5.37 11.84
C LEU A 13 0.28 6.81 11.60
N GLY A 14 0.49 7.54 12.68
CA GLY A 14 0.98 8.89 12.57
C GLY A 14 -0.11 9.93 12.77
N PRO A 15 0.28 11.22 12.71
CA PRO A 15 -0.68 12.31 12.90
C PRO A 15 -1.65 12.43 11.73
N PRO A 16 -2.86 12.93 12.02
CA PRO A 16 -3.89 13.10 10.98
C PRO A 16 -3.51 14.13 9.91
N SER A 17 -3.84 13.79 8.68
CA SER A 17 -3.67 14.67 7.53
C SER A 17 -4.72 14.33 6.50
N GLY A 18 -5.83 15.06 6.53
CA GLY A 18 -6.96 14.73 5.66
C GLY A 18 -7.42 13.31 5.89
N SER A 19 -7.61 12.56 4.82
CA SER A 19 -8.12 11.20 4.92
C SER A 19 -7.02 10.15 4.88
N GLN A 20 -5.77 10.58 5.01
CA GLN A 20 -4.65 9.64 5.15
C GLN A 20 -4.88 8.77 6.37
N PRO A 21 -4.43 7.51 6.30
CA PRO A 21 -4.47 6.67 7.51
C PRO A 21 -3.68 7.32 8.63
N ALA A 22 -4.23 7.29 9.85
CA ALA A 22 -3.61 7.96 10.99
C ALA A 22 -4.09 7.36 12.31
N LYS A 23 -3.44 7.79 13.40
CA LYS A 23 -3.78 7.39 14.77
C LYS A 23 -3.43 5.93 15.07
N ARG A 24 -3.81 5.45 16.25
CA ARG A 24 -3.53 4.07 16.62
C ARG A 24 -4.69 3.19 16.16
N ARG A 25 -4.38 2.24 15.30
CA ARG A 25 -5.41 1.39 14.70
C ARG A 25 -4.89 -0.04 14.53
N PRO A 26 -5.81 -1.02 14.47
CA PRO A 26 -5.35 -2.34 14.06
C PRO A 26 -5.03 -2.35 12.57
N VAL A 27 -4.03 -3.15 12.21
CA VAL A 27 -3.61 -3.28 10.83
C VAL A 27 -3.38 -4.76 10.52
N LEU A 28 -3.63 -5.11 9.26
CA LEU A 28 -3.50 -6.46 8.76
C LEU A 28 -2.27 -6.54 7.88
N VAL A 29 -1.31 -7.38 8.26
CA VAL A 29 -0.08 -7.51 7.47
C VAL A 29 -0.39 -8.14 6.11
N ILE A 30 -0.06 -7.45 5.03
CA ILE A 30 -0.30 -8.00 3.70
C ILE A 30 0.98 -8.25 2.93
N GLN A 31 2.10 -7.79 3.48
CA GLN A 31 3.42 -8.08 2.91
C GLN A 31 3.72 -9.56 3.02
N SER A 32 4.36 -10.10 1.99
CA SER A 32 4.64 -11.51 1.92
C SER A 32 5.77 -11.92 2.85
N ASP A 33 5.77 -13.19 3.23
CA ASP A 33 6.71 -13.65 4.24
C ASP A 33 8.20 -13.61 3.83
N PRO A 34 8.53 -13.79 2.54
CA PRO A 34 9.95 -13.62 2.20
C PRO A 34 10.48 -12.23 2.53
N TYR A 35 9.65 -11.21 2.34
CA TYR A 35 10.06 -9.86 2.71
C TYR A 35 9.99 -9.65 4.22
N ASN A 36 9.00 -10.25 4.87
CA ASN A 36 8.91 -10.15 6.32
C ASN A 36 10.12 -10.76 7.03
N ALA A 37 10.70 -11.81 6.44
CA ALA A 37 11.83 -12.49 7.07
C ALA A 37 13.17 -11.87 6.69
N SER A 38 13.15 -10.95 5.73
CA SER A 38 14.35 -10.30 5.20
C SER A 38 14.85 -9.15 6.06
N ARG A 39 15.95 -8.53 5.62
CA ARG A 39 16.52 -7.38 6.32
C ARG A 39 15.71 -6.10 6.15
N LEU A 40 14.70 -6.14 5.29
CA LEU A 40 13.79 -5.00 5.09
C LEU A 40 13.25 -4.51 6.44
N ALA A 41 13.32 -3.20 6.67
CA ALA A 41 12.98 -2.63 7.98
C ALA A 41 11.48 -2.50 8.18
N THR A 42 10.73 -2.60 7.08
CA THR A 42 9.32 -2.24 7.09
C THR A 42 8.39 -3.37 6.68
N VAL A 43 7.10 -3.16 6.93
CA VAL A 43 6.05 -4.08 6.54
C VAL A 43 4.87 -3.29 5.99
N ILE A 44 4.26 -3.81 4.93
CA ILE A 44 3.05 -3.22 4.36
C ILE A 44 1.81 -3.85 4.97
N ALA A 45 0.84 -3.01 5.33
CA ALA A 45 -0.37 -3.48 5.99
C ALA A 45 -1.59 -2.69 5.52
N ALA A 46 -2.76 -3.31 5.63
CA ALA A 46 -4.04 -2.64 5.35
C ALA A 46 -4.70 -2.26 6.66
N VAL A 47 -5.32 -1.08 6.70
CA VAL A 47 -5.91 -0.58 7.94
C VAL A 47 -7.28 -1.17 8.23
N ILE A 48 -7.47 -1.58 9.49
CA ILE A 48 -8.73 -2.13 9.97
C ILE A 48 -9.48 -1.08 10.76
N THR A 49 -10.78 -1.00 10.56
CA THR A 49 -11.65 -0.07 11.29
C THR A 49 -12.86 -0.84 11.82
N SER A 50 -13.60 -0.26 12.77
CA SER A 50 -14.75 -0.98 13.32
C SER A 50 -15.85 -1.18 12.28
N ASN A 51 -16.01 -0.20 11.41
CA ASN A 51 -16.90 -0.33 10.26
C ASN A 51 -16.37 0.59 9.17
N ASP A 52 -16.93 0.50 7.97
CA ASP A 52 -16.47 1.37 6.89
C ASP A 52 -17.56 2.34 6.48
N ALA A 53 -18.35 2.77 7.45
CA ALA A 53 -19.37 3.78 7.22
C ALA A 53 -18.74 5.01 6.61
N LEU A 54 -19.33 5.47 5.51
CA LEU A 54 -18.90 6.65 4.76
C LEU A 54 -17.59 6.44 3.98
N ALA A 55 -16.99 5.26 4.10
CA ALA A 55 -15.79 4.91 3.35
C ALA A 55 -15.91 3.49 2.82
N ALA A 56 -17.09 3.17 2.31
CA ALA A 56 -17.41 1.81 1.91
C ALA A 56 -17.01 1.54 0.47
N MET A 57 -15.94 0.76 0.31
CA MET A 57 -15.36 0.47 -0.99
C MET A 57 -15.53 -0.98 -1.42
N PRO A 58 -15.80 -1.22 -2.71
CA PRO A 58 -15.79 -2.61 -3.18
C PRO A 58 -14.44 -3.22 -2.87
N GLY A 59 -14.44 -4.43 -2.31
CA GLY A 59 -13.19 -5.05 -1.94
C GLY A 59 -12.99 -5.07 -0.44
N ASN A 60 -13.66 -4.17 0.29
CA ASN A 60 -13.54 -4.20 1.74
C ASN A 60 -14.08 -5.50 2.31
N VAL A 61 -13.47 -5.97 3.40
CA VAL A 61 -13.82 -7.29 3.93
C VAL A 61 -14.24 -7.26 5.38
N ASP A 62 -15.42 -7.83 5.68
CA ASP A 62 -15.88 -7.98 7.05
C ASP A 62 -15.08 -9.06 7.80
N LEU A 63 -14.57 -8.71 8.98
CA LEU A 63 -13.85 -9.62 9.87
C LEU A 63 -14.60 -9.87 11.17
N PRO A 64 -15.23 -11.04 11.30
CA PRO A 64 -15.88 -11.38 12.57
C PRO A 64 -14.90 -11.40 13.73
N ALA A 65 -15.34 -10.90 14.88
CA ALA A 65 -14.50 -10.84 16.08
C ALA A 65 -14.08 -12.24 16.51
N THR A 66 -14.98 -13.20 16.35
CA THR A 66 -14.71 -14.57 16.75
C THR A 66 -13.66 -15.26 15.89
N THR A 67 -13.37 -14.68 14.72
CA THR A 67 -12.40 -15.27 13.78
C THR A 67 -11.02 -14.62 13.86
N THR A 68 -10.95 -13.43 14.43
CA THR A 68 -9.71 -12.64 14.44
C THR A 68 -9.15 -12.33 15.81
N ARG A 69 -9.99 -12.49 16.83
CA ARG A 69 -9.65 -12.23 18.22
C ARG A 69 -9.56 -10.73 18.50
N LEU A 70 -10.00 -9.93 17.53
CA LEU A 70 -10.25 -8.51 17.77
C LEU A 70 -11.45 -8.36 18.69
N PRO A 71 -11.52 -7.27 19.47
CA PRO A 71 -12.63 -7.14 20.42
C PRO A 71 -13.99 -7.00 19.74
N ARG A 72 -14.06 -6.40 18.56
CA ARG A 72 -15.33 -6.29 17.85
C ARG A 72 -15.22 -6.70 16.39
N ASP A 73 -16.37 -6.97 15.78
CA ASP A 73 -16.46 -7.15 14.34
C ASP A 73 -15.87 -5.94 13.65
N SER A 74 -15.03 -6.16 12.66
CA SER A 74 -14.28 -5.07 12.04
C SER A 74 -14.27 -5.20 10.51
N VAL A 75 -13.58 -4.29 9.84
CA VAL A 75 -13.53 -4.27 8.39
C VAL A 75 -12.10 -3.96 7.95
N VAL A 76 -11.58 -4.76 7.02
CA VAL A 76 -10.34 -4.44 6.31
C VAL A 76 -10.64 -3.45 5.20
N ASN A 77 -9.98 -2.30 5.29
CA ASN A 77 -10.10 -1.24 4.29
C ASN A 77 -9.04 -1.41 3.23
N VAL A 78 -9.39 -2.06 2.12
CA VAL A 78 -8.38 -2.43 1.14
C VAL A 78 -7.83 -1.24 0.34
N THR A 79 -8.41 -0.05 0.50
CA THR A 79 -7.83 1.15 -0.14
C THR A 79 -6.94 1.97 0.82
N ALA A 80 -6.81 1.49 2.06
CA ALA A 80 -6.02 2.17 3.08
C ALA A 80 -4.78 1.34 3.39
N ILE A 81 -3.71 1.62 2.67
CA ILE A 81 -2.50 0.84 2.78
C ILE A 81 -1.40 1.69 3.42
N VAL A 82 -0.67 1.10 4.36
CA VAL A 82 0.39 1.78 5.06
C VAL A 82 1.67 0.95 5.08
N THR A 83 2.79 1.63 5.20
CA THR A 83 4.09 0.99 5.41
C THR A 83 4.62 1.37 6.78
N LEU A 84 4.92 0.36 7.59
CA LEU A 84 5.26 0.55 9.00
C LEU A 84 6.60 -0.06 9.33
N ASN A 85 7.29 0.47 10.33
CA ASN A 85 8.51 -0.18 10.79
C ASN A 85 8.21 -1.47 11.55
N LYS A 86 8.97 -2.52 11.25
CA LYS A 86 8.81 -3.80 11.92
C LYS A 86 8.95 -3.68 13.43
N THR A 87 9.85 -2.83 13.85
CA THR A 87 10.15 -2.72 15.25
C THR A 87 9.02 -2.06 15.97
N ASP A 88 8.10 -1.47 15.23
CA ASP A 88 6.97 -0.82 15.83
C ASP A 88 5.77 -1.73 15.91
N LEU A 89 5.90 -2.96 15.44
CA LEU A 89 4.80 -3.90 15.46
C LEU A 89 5.02 -4.88 16.60
N THR A 90 4.77 -4.44 17.80
CA THR A 90 5.00 -5.23 19.00
C THR A 90 3.66 -5.74 19.55
N ASP A 91 2.58 -5.05 19.19
CA ASP A 91 1.30 -5.24 19.82
C ASP A 91 0.41 -6.17 18.99
N ARG A 92 0.57 -7.47 19.20
CA ARG A 92 -0.10 -8.49 18.40
C ARG A 92 -1.52 -8.77 18.87
N VAL A 93 -2.47 -8.71 17.95
CA VAL A 93 -3.88 -8.94 18.27
C VAL A 93 -4.34 -10.33 17.89
N GLY A 94 -4.04 -10.71 16.65
CA GLY A 94 -4.64 -11.93 16.14
C GLY A 94 -4.30 -12.20 14.71
N GLU A 95 -5.16 -12.92 13.98
CA GLU A 95 -4.88 -13.25 12.59
C GLU A 95 -6.14 -13.45 11.75
N VAL A 96 -6.02 -13.31 10.45
CA VAL A 96 -7.11 -13.63 9.54
C VAL A 96 -6.89 -15.00 8.89
N PRO A 97 -7.89 -15.89 8.97
CA PRO A 97 -7.75 -17.24 8.40
C PRO A 97 -7.69 -17.23 6.87
N ALA A 98 -7.13 -18.29 6.29
CA ALA A 98 -6.88 -18.35 4.85
C ALA A 98 -8.12 -18.07 3.99
N SER A 99 -9.28 -18.61 4.38
CA SER A 99 -10.48 -18.44 3.55
C SER A 99 -10.86 -16.98 3.42
N LEU A 100 -10.74 -16.24 4.51
CA LEU A 100 -11.09 -14.82 4.53
C LEU A 100 -9.97 -13.98 3.91
N MET A 101 -8.74 -14.42 4.13
CA MET A 101 -7.60 -13.72 3.54
C MET A 101 -7.67 -13.79 2.02
N HIS A 102 -8.25 -14.85 1.48
CA HIS A 102 -8.42 -14.93 0.03
C HIS A 102 -9.34 -13.82 -0.49
N GLU A 103 -10.35 -13.48 0.31
CA GLU A 103 -11.26 -12.39 -0.03
C GLU A 103 -10.52 -11.06 0.04
N VAL A 104 -9.68 -10.92 1.06
CA VAL A 104 -8.84 -9.71 1.16
C VAL A 104 -7.95 -9.59 -0.07
N ASP A 105 -7.31 -10.67 -0.47
CA ASP A 105 -6.46 -10.68 -1.66
C ASP A 105 -7.24 -10.26 -2.91
N ARG A 106 -8.47 -10.77 -3.05
CA ARG A 106 -9.28 -10.37 -4.21
C ARG A 106 -9.53 -8.86 -4.21
N GLY A 107 -9.77 -8.33 -3.02
CA GLY A 107 -10.00 -6.91 -2.87
C GLY A 107 -8.76 -6.11 -3.24
N LEU A 108 -7.60 -6.54 -2.77
CA LEU A 108 -6.34 -5.85 -3.08
C LEU A 108 -6.05 -5.89 -4.59
N ARG A 109 -6.30 -7.04 -5.23
CA ARG A 109 -6.08 -7.12 -6.67
C ARG A 109 -6.99 -6.15 -7.41
N ARG A 110 -8.23 -6.01 -6.92
CA ARG A 110 -9.14 -5.06 -7.54
C ARG A 110 -8.66 -3.62 -7.38
N VAL A 111 -8.23 -3.28 -6.17
CA VAL A 111 -7.80 -1.91 -5.87
C VAL A 111 -6.53 -1.52 -6.61
N LEU A 112 -5.65 -2.50 -6.84
CA LEU A 112 -4.34 -2.19 -7.43
C LEU A 112 -4.23 -2.60 -8.88
N ASP A 113 -5.32 -3.08 -9.48
CA ASP A 113 -5.33 -3.53 -10.87
C ASP A 113 -4.28 -4.61 -11.10
N LEU A 114 -4.21 -5.57 -10.20
CA LEU A 114 -3.23 -6.65 -10.29
C LEU A 114 -3.87 -7.99 -10.60
N VAL B 2 -7.94 14.96 -12.30
CA VAL B 2 -8.03 13.59 -12.79
C VAL B 2 -6.70 12.84 -12.63
N ILE B 3 -6.73 11.81 -11.80
CA ILE B 3 -5.52 11.05 -11.48
C ILE B 3 -5.61 9.67 -12.12
N SER B 4 -4.53 9.23 -12.77
CA SER B 4 -4.56 7.93 -13.41
C SER B 4 -3.39 7.06 -12.98
N ARG B 5 -3.62 5.76 -13.02
CA ARG B 5 -2.60 4.78 -12.70
C ARG B 5 -1.41 4.96 -13.62
N ALA B 6 -0.22 4.79 -13.04
CA ALA B 6 1.08 4.88 -13.71
C ALA B 6 1.56 6.32 -13.83
N GLU B 7 0.77 7.28 -13.33
CA GLU B 7 1.28 8.65 -13.29
C GLU B 7 2.24 8.86 -12.14
N ILE B 8 3.22 9.72 -12.39
CA ILE B 8 4.17 10.14 -11.38
C ILE B 8 3.84 11.55 -10.94
N TYR B 9 3.75 11.75 -9.62
CA TYR B 9 3.50 13.05 -9.03
C TYR B 9 4.53 13.37 -7.98
N TRP B 10 4.80 14.65 -7.77
CA TRP B 10 5.52 15.05 -6.58
C TRP B 10 4.53 15.13 -5.42
N ALA B 11 4.94 14.65 -4.26
CA ALA B 11 4.05 14.60 -3.10
C ALA B 11 4.77 14.87 -1.79
N ASP B 12 4.07 15.50 -0.86
CA ASP B 12 4.51 15.62 0.52
C ASP B 12 4.36 14.27 1.22
N LEU B 13 5.44 13.75 1.77
CA LEU B 13 5.37 12.52 2.55
C LEU B 13 5.60 12.78 4.03
N ARG B 24 9.31 15.80 0.51
CA ARG B 24 8.99 15.79 -0.92
C ARG B 24 9.61 14.60 -1.63
N ARG B 25 8.77 13.79 -2.28
CA ARG B 25 9.24 12.67 -3.09
C ARG B 25 8.37 12.49 -4.31
N PRO B 26 8.93 11.95 -5.39
CA PRO B 26 8.04 11.48 -6.46
C PRO B 26 7.36 10.18 -6.02
N VAL B 27 6.12 10.02 -6.45
CA VAL B 27 5.35 8.83 -6.16
C VAL B 27 4.64 8.38 -7.43
N LEU B 28 4.46 7.07 -7.54
CA LEU B 28 3.84 6.44 -8.69
C LEU B 28 2.46 5.93 -8.31
N VAL B 29 1.42 6.43 -8.97
CA VAL B 29 0.05 5.98 -8.67
C VAL B 29 -0.11 4.52 -9.08
N ILE B 30 -0.47 3.66 -8.13
CA ILE B 30 -0.69 2.24 -8.43
C ILE B 30 -2.14 1.81 -8.21
N GLN B 31 -2.93 2.70 -7.64
CA GLN B 31 -4.36 2.48 -7.50
C GLN B 31 -5.03 2.45 -8.87
N SER B 32 -6.01 1.56 -9.04
CA SER B 32 -6.66 1.39 -10.34
C SER B 32 -7.61 2.54 -10.67
N ASP B 33 -7.84 2.73 -11.96
CA ASP B 33 -8.58 3.89 -12.42
C ASP B 33 -10.05 3.98 -11.97
N PRO B 34 -10.77 2.86 -11.81
CA PRO B 34 -12.13 3.01 -11.25
C PRO B 34 -12.15 3.64 -9.86
N TYR B 35 -11.16 3.32 -9.04
CA TYR B 35 -11.06 3.93 -7.72
C TYR B 35 -10.54 5.36 -7.85
N ASN B 36 -9.61 5.61 -8.77
CA ASN B 36 -9.13 6.96 -8.99
C ASN B 36 -10.23 7.93 -9.45
N ALA B 37 -11.20 7.42 -10.21
CA ALA B 37 -12.28 8.24 -10.75
C ALA B 37 -13.46 8.39 -9.78
N SER B 38 -13.44 7.58 -8.74
CA SER B 38 -14.54 7.54 -7.77
C SER B 38 -14.41 8.66 -6.75
N ARG B 39 -15.40 8.75 -5.86
CA ARG B 39 -15.40 9.77 -4.83
C ARG B 39 -14.46 9.44 -3.67
N LEU B 40 -13.82 8.27 -3.73
CA LEU B 40 -12.77 7.92 -2.78
C LEU B 40 -11.77 9.08 -2.67
N ALA B 41 -11.45 9.48 -1.45
CA ALA B 41 -10.64 10.68 -1.23
C ALA B 41 -9.15 10.47 -1.43
N THR B 42 -8.74 9.21 -1.46
CA THR B 42 -7.33 8.86 -1.36
C THR B 42 -6.85 8.07 -2.57
N VAL B 43 -5.52 7.99 -2.69
CA VAL B 43 -4.90 7.23 -3.75
C VAL B 43 -3.69 6.50 -3.18
N ILE B 44 -3.50 5.26 -3.61
CA ILE B 44 -2.35 4.47 -3.21
C ILE B 44 -1.22 4.66 -4.22
N ALA B 45 -0.01 4.83 -3.69
CA ALA B 45 1.15 5.08 -4.54
C ALA B 45 2.39 4.36 -4.02
N ALA B 46 3.31 4.05 -4.94
CA ALA B 46 4.62 3.54 -4.55
C ALA B 46 5.62 4.69 -4.55
N VAL B 47 6.50 4.70 -3.58
CA VAL B 47 7.46 5.79 -3.45
C VAL B 47 8.65 5.58 -4.39
N ILE B 48 9.05 6.65 -5.09
CA ILE B 48 10.20 6.63 -5.98
C ILE B 48 11.39 7.23 -5.25
N THR B 49 12.57 6.65 -5.47
CA THR B 49 13.78 7.16 -4.83
C THR B 49 14.90 7.28 -5.86
N SER B 50 15.91 8.10 -5.61
CA SER B 50 17.04 8.19 -6.53
C SER B 50 18.30 7.61 -5.89
N ASN B 51 18.10 6.78 -4.87
CA ASN B 51 19.16 5.95 -4.30
C ASN B 51 19.37 4.70 -5.16
N ASP B 52 20.49 4.68 -5.88
CA ASP B 52 20.81 3.59 -6.80
C ASP B 52 20.92 2.21 -6.15
N ALA B 53 21.35 2.19 -4.90
CA ALA B 53 21.47 0.94 -4.15
C ALA B 53 20.15 0.17 -4.09
N LEU B 54 19.03 0.89 -4.01
CA LEU B 54 17.73 0.21 -3.91
C LEU B 54 17.34 -0.50 -5.19
N ALA B 55 18.11 -0.32 -6.26
CA ALA B 55 17.84 -1.05 -7.49
C ALA B 55 18.13 -2.52 -7.26
N ALA B 56 18.92 -2.81 -6.22
CA ALA B 56 19.35 -4.17 -5.95
C ALA B 56 18.36 -4.95 -5.07
N MET B 57 17.20 -4.38 -4.79
CA MET B 57 16.26 -5.07 -3.90
C MET B 57 15.28 -5.79 -4.80
N PRO B 58 15.05 -7.08 -4.54
CA PRO B 58 14.12 -7.82 -5.41
C PRO B 58 12.72 -7.22 -5.47
N GLY B 59 12.26 -6.99 -6.69
CA GLY B 59 10.95 -6.43 -6.96
C GLY B 59 10.97 -4.96 -7.32
N ASN B 60 11.99 -4.24 -6.86
CA ASN B 60 12.12 -2.82 -7.19
C ASN B 60 12.40 -2.62 -8.66
N VAL B 61 11.97 -1.48 -9.20
CA VAL B 61 12.07 -1.32 -10.65
C VAL B 61 12.93 -0.11 -10.98
N ASP B 62 14.01 -0.33 -11.72
CA ASP B 62 14.88 0.77 -12.16
C ASP B 62 14.24 1.63 -13.24
N LEU B 63 14.23 2.94 -13.02
CA LEU B 63 13.76 3.91 -13.99
C LEU B 63 14.89 4.81 -14.45
N PRO B 64 15.48 4.50 -15.60
CA PRO B 64 16.51 5.37 -16.19
C PRO B 64 15.93 6.75 -16.37
N ALA B 65 16.74 7.79 -16.19
CA ALA B 65 16.21 9.13 -16.23
C ALA B 65 15.53 9.43 -17.57
N THR B 66 16.09 8.93 -18.66
CA THR B 66 15.53 9.13 -20.00
C THR B 66 14.22 8.38 -20.24
N THR B 67 13.82 7.53 -19.29
CA THR B 67 12.58 6.78 -19.50
C THR B 67 11.38 7.48 -18.84
N THR B 68 11.66 8.34 -17.85
CA THR B 68 10.63 9.12 -17.20
C THR B 68 11.07 10.58 -17.32
N ARG B 69 10.23 11.53 -16.98
CA ARG B 69 10.68 12.90 -17.05
C ARG B 69 11.32 13.35 -15.74
N LEU B 70 11.63 12.40 -14.86
CA LEU B 70 12.40 12.73 -13.66
C LEU B 70 13.84 13.12 -14.03
N PRO B 71 14.45 14.01 -13.24
CA PRO B 71 15.81 14.51 -13.50
C PRO B 71 16.92 13.49 -13.29
N ARG B 72 16.71 12.50 -12.43
CA ARG B 72 17.74 11.51 -12.14
C ARG B 72 17.28 10.09 -12.38
N ASP B 73 18.25 9.18 -12.56
CA ASP B 73 17.93 7.76 -12.54
C ASP B 73 17.28 7.47 -11.19
N SER B 74 16.16 6.76 -11.24
CA SER B 74 15.36 6.56 -10.05
C SER B 74 14.96 5.10 -9.95
N VAL B 75 14.26 4.76 -8.87
CA VAL B 75 13.86 3.39 -8.60
C VAL B 75 12.46 3.45 -8.00
N VAL B 76 11.55 2.63 -8.52
CA VAL B 76 10.25 2.44 -7.85
C VAL B 76 10.50 1.45 -6.73
N ASN B 77 10.26 1.92 -5.50
CA ASN B 77 10.43 1.09 -4.31
C ASN B 77 9.09 0.41 -3.98
N VAL B 78 8.92 -0.83 -4.43
CA VAL B 78 7.63 -1.50 -4.30
C VAL B 78 7.34 -1.94 -2.86
N THR B 79 8.31 -1.78 -1.97
CA THR B 79 8.06 -2.05 -0.55
C THR B 79 7.72 -0.79 0.24
N ALA B 80 7.69 0.37 -0.44
CA ALA B 80 7.32 1.63 0.19
C ALA B 80 6.00 2.11 -0.39
N ILE B 81 4.90 1.73 0.25
CA ILE B 81 3.58 2.04 -0.28
C ILE B 81 2.94 3.07 0.63
N VAL B 82 2.32 4.08 0.04
CA VAL B 82 1.67 5.11 0.84
C VAL B 82 0.26 5.35 0.34
N THR B 83 -0.60 5.82 1.23
CA THR B 83 -1.93 6.25 0.83
C THR B 83 -2.03 7.74 1.06
N LEU B 84 -2.33 8.47 -0.01
CA LEU B 84 -2.29 9.94 0.00
C LEU B 84 -3.63 10.55 -0.36
N ASN B 85 -3.87 11.78 0.07
CA ASN B 85 -5.08 12.48 -0.37
C ASN B 85 -4.95 12.83 -1.84
N LYS B 86 -6.01 12.62 -2.62
CA LYS B 86 -5.97 12.97 -4.05
C LYS B 86 -5.65 14.44 -4.25
N THR B 87 -6.20 15.28 -3.40
CA THR B 87 -6.03 16.73 -3.56
C THR B 87 -4.59 17.16 -3.31
N ASP B 88 -3.79 16.26 -2.76
CA ASP B 88 -2.37 16.54 -2.53
C ASP B 88 -1.49 16.09 -3.70
N LEU B 89 -2.12 15.56 -4.75
CA LEU B 89 -1.40 15.22 -5.98
C LEU B 89 -1.69 16.24 -7.08
N THR B 90 -1.02 17.38 -7.02
CA THR B 90 -1.25 18.43 -8.00
C THR B 90 -0.11 18.54 -9.01
N ASP B 91 1.07 18.11 -8.60
CA ASP B 91 2.28 18.37 -9.36
C ASP B 91 2.70 17.17 -10.20
N ARG B 92 2.16 17.08 -11.42
CA ARG B 92 2.32 15.91 -12.29
C ARG B 92 3.62 15.96 -13.08
N VAL B 93 4.35 14.84 -13.08
CA VAL B 93 5.61 14.75 -13.80
C VAL B 93 5.42 14.13 -15.17
N GLY B 94 4.68 13.03 -15.23
CA GLY B 94 4.56 12.26 -16.44
C GLY B 94 3.96 10.93 -16.07
N GLU B 95 4.35 9.92 -16.83
CA GLU B 95 3.88 8.58 -16.62
C GLU B 95 5.06 7.64 -16.71
N VAL B 96 4.89 6.47 -16.13
CA VAL B 96 5.86 5.39 -16.30
C VAL B 96 5.36 4.62 -17.49
N PRO B 97 6.25 4.34 -18.46
CA PRO B 97 5.77 3.66 -19.66
C PRO B 97 5.27 2.25 -19.37
N ALA B 98 4.39 1.76 -20.24
CA ALA B 98 3.70 0.49 -20.04
C ALA B 98 4.67 -0.65 -19.73
N SER B 99 5.80 -0.68 -20.42
CA SER B 99 6.75 -1.77 -20.26
C SER B 99 7.29 -1.83 -18.84
N LEU B 100 7.58 -0.66 -18.27
CA LEU B 100 8.13 -0.62 -16.92
C LEU B 100 7.01 -0.80 -15.89
N MET B 101 5.80 -0.35 -16.23
CA MET B 101 4.66 -0.57 -15.35
C MET B 101 4.36 -2.04 -15.20
N HIS B 102 4.60 -2.82 -16.24
CA HIS B 102 4.40 -4.27 -16.12
C HIS B 102 5.37 -4.86 -15.09
N GLU B 103 6.58 -4.33 -15.04
CA GLU B 103 7.59 -4.74 -14.06
C GLU B 103 7.16 -4.29 -12.66
N VAL B 104 6.59 -3.09 -12.56
CA VAL B 104 6.06 -2.64 -11.28
C VAL B 104 4.97 -3.58 -10.80
N ASP B 105 4.04 -3.95 -11.68
CA ASP B 105 2.96 -4.88 -11.32
C ASP B 105 3.54 -6.20 -10.82
N ARG B 106 4.54 -6.72 -11.52
CA ARG B 106 5.16 -7.98 -11.08
C ARG B 106 5.80 -7.86 -9.69
N GLY B 107 6.44 -6.72 -9.44
CA GLY B 107 7.04 -6.45 -8.16
C GLY B 107 6.01 -6.38 -7.05
N LEU B 108 4.90 -5.69 -7.30
CA LEU B 108 3.83 -5.59 -6.32
C LEU B 108 3.22 -6.95 -6.02
N ARG B 109 3.01 -7.77 -7.06
CA ARG B 109 2.46 -9.10 -6.83
C ARG B 109 3.39 -9.93 -5.94
N ARG B 110 4.69 -9.79 -6.16
CA ARG B 110 5.67 -10.49 -5.33
C ARG B 110 5.64 -10.03 -3.87
N VAL B 111 5.61 -8.71 -3.68
CA VAL B 111 5.66 -8.13 -2.34
C VAL B 111 4.38 -8.40 -1.54
N LEU B 112 3.25 -8.51 -2.22
CA LEU B 112 1.96 -8.64 -1.53
C LEU B 112 1.34 -10.03 -1.65
N ASP B 113 2.04 -10.97 -2.28
CA ASP B 113 1.52 -12.33 -2.52
C ASP B 113 0.22 -12.29 -3.32
N LEU B 114 0.20 -11.48 -4.38
CA LEU B 114 -1.01 -11.36 -5.20
C LEU B 114 -0.77 -11.96 -6.58
#